data_2FML
#
_entry.id   2FML
#
_cell.length_a   86.394
_cell.length_b   132.034
_cell.length_c   64.017
_cell.angle_alpha   90.00
_cell.angle_beta   90.00
_cell.angle_gamma   90.00
#
_symmetry.space_group_name_H-M   'P 21 21 2'
#
loop_
_entity.id
_entity.type
_entity.pdbx_description
1 polymer 'MutT/nudix family protein'
2 non-polymer GLYCEROL
3 water water
#
_entity_poly.entity_id   1
_entity_poly.type   'polypeptide(L)'
_entity_poly.pdbx_seq_one_letter_code
;(MSE)PQFASKAEEKNYYERQASLAEFLTWYHQQELPEYEKPSLTVD(MSE)VLLCYNKEADQLKVLLIQRKGHPFRNSW
ALPGGFVNRNESTEDSVLRETKEETGVVISQENIEQLHSFSRPDRDPRGWVVTVSYLAFIGEEPLIAGDDAKEVHWFNLE
RHGQHITLSHEDVEITLDLKTAASLGKDTLAFDHSEIIIKAFNRVVDK(MSE)EHEPQVLQVLGKDFTITEARKVFAKFL
GVDYRSIDHSNFKKA(MSE)TQYFEELGERPVGIGRPSKIYQLKTTTGF
;
_entity_poly.pdbx_strand_id   A,B
#
loop_
_chem_comp.id
_chem_comp.type
_chem_comp.name
_chem_comp.formula
GOL non-polymer GLYCEROL 'C3 H8 O3'
#
# COMPACT_ATOMS: atom_id res chain seq x y z
N GLN A 3 14.94 43.48 -0.80
CA GLN A 3 15.08 43.07 0.63
C GLN A 3 13.87 43.46 1.51
N PHE A 4 13.86 42.95 2.76
CA PHE A 4 12.64 42.75 3.59
C PHE A 4 13.02 43.15 5.01
N ALA A 5 12.22 43.87 5.80
CA ALA A 5 10.82 44.33 5.68
C ALA A 5 10.09 43.63 6.82
N SER A 6 9.75 42.36 6.61
CA SER A 6 9.34 41.45 7.67
C SER A 6 9.79 40.04 7.28
N LYS A 7 9.82 39.15 8.27
CA LYS A 7 9.92 37.70 8.03
C LYS A 7 8.81 37.21 7.10
N ALA A 8 7.57 37.61 7.38
CA ALA A 8 6.40 37.25 6.52
C ALA A 8 6.58 37.63 5.05
N GLU A 9 7.00 38.87 4.81
CA GLU A 9 7.27 39.38 3.45
C GLU A 9 8.38 38.62 2.71
N GLU A 10 9.46 38.36 3.43
CA GLU A 10 10.54 37.58 2.91
C GLU A 10 10.12 36.17 2.39
N LYS A 11 9.37 35.47 3.23
CA LYS A 11 9.00 34.07 2.96
C LYS A 11 8.00 33.99 1.79
N ASN A 12 7.05 34.90 1.67
CA ASN A 12 6.22 34.73 0.49
C ASN A 12 6.81 35.28 -0.81
N TYR A 13 7.74 36.22 -0.74
CA TYR A 13 8.52 36.58 -1.91
C TYR A 13 9.22 35.30 -2.47
N TYR A 14 9.84 34.49 -1.61
CA TYR A 14 10.53 33.27 -2.02
C TYR A 14 9.57 32.13 -2.48
N GLU A 15 8.48 31.91 -1.75
CA GLU A 15 7.40 30.95 -2.15
C GLU A 15 6.67 31.31 -3.46
N ARG A 16 6.36 32.59 -3.61
CA ARG A 16 5.41 33.08 -4.60
C ARG A 16 5.95 33.93 -5.76
N GLN A 17 7.13 34.56 -5.60
CA GLN A 17 7.71 35.41 -6.68
C GLN A 17 8.98 34.81 -7.29
N ALA A 18 9.85 34.30 -6.41
CA ALA A 18 11.17 33.79 -6.77
C ALA A 18 11.02 32.60 -7.71
N SER A 19 12.08 32.24 -8.43
CA SER A 19 12.06 31.00 -9.20
C SER A 19 12.29 29.86 -8.21
N LEU A 20 12.11 28.64 -8.68
CA LEU A 20 12.40 27.47 -7.92
C LEU A 20 13.82 27.02 -7.37
N ALA A 21 14.97 26.94 -8.08
CA ALA A 21 16.12 27.82 -8.02
C ALA A 21 16.29 28.60 -6.75
N GLU A 22 15.79 29.84 -6.73
CA GLU A 22 16.10 30.68 -5.60
C GLU A 22 15.30 30.29 -4.40
N PHE A 23 14.04 29.81 -4.61
CA PHE A 23 13.20 29.29 -3.52
C PHE A 23 14.11 28.42 -2.70
N LEU A 24 14.81 27.48 -3.33
CA LEU A 24 15.13 26.21 -2.80
C LEU A 24 16.51 26.62 -2.17
N THR A 25 17.25 27.56 -2.80
CA THR A 25 18.53 28.05 -2.25
C THR A 25 18.28 28.79 -0.93
N TRP A 26 17.25 29.62 -0.93
CA TRP A 26 16.82 30.35 0.26
C TRP A 26 16.31 29.36 1.33
N TYR A 27 15.46 28.45 0.92
CA TYR A 27 14.84 27.52 1.86
C TYR A 27 15.82 26.72 2.70
N HIS A 28 16.87 26.16 2.09
CA HIS A 28 17.82 25.29 2.79
C HIS A 28 18.75 25.95 3.80
N GLN A 29 18.74 27.28 3.79
CA GLN A 29 19.50 28.10 4.70
C GLN A 29 18.68 28.62 5.90
N GLN A 30 17.40 28.34 5.86
CA GLN A 30 16.47 28.72 6.94
C GLN A 30 16.46 27.80 8.14
N GLU A 31 16.23 28.44 9.27
CA GLU A 31 16.00 27.80 10.55
C GLU A 31 14.59 27.21 10.51
N LEU A 32 14.51 25.90 10.29
CA LEU A 32 13.23 25.26 10.18
C LEU A 32 12.67 24.89 11.55
N PRO A 33 11.35 25.10 11.71
CA PRO A 33 10.76 24.79 13.02
C PRO A 33 10.82 23.25 13.19
N GLU A 34 10.89 22.81 14.43
CA GLU A 34 11.14 21.41 14.64
C GLU A 34 9.86 20.70 15.06
N TYR A 35 9.67 19.50 14.55
CA TYR A 35 8.61 18.67 15.07
C TYR A 35 9.06 17.20 15.12
N GLU A 36 8.34 16.38 15.87
CA GLU A 36 8.57 14.94 15.92
C GLU A 36 8.33 14.23 14.62
N LYS A 37 9.18 13.24 14.38
CA LYS A 37 9.18 12.44 13.16
C LYS A 37 9.33 10.95 13.57
N PRO A 38 8.76 10.02 12.75
CA PRO A 38 9.03 8.62 13.07
C PRO A 38 10.36 8.12 12.50
N SER A 39 10.89 7.01 13.06
CA SER A 39 11.83 6.16 12.33
C SER A 39 11.06 5.40 11.29
N LEU A 40 11.69 5.23 10.15
CA LEU A 40 11.10 4.54 9.02
C LEU A 40 11.83 3.22 8.79
N THR A 41 11.07 2.13 8.76
CA THR A 41 11.68 0.84 8.51
C THR A 41 10.93 0.16 7.38
N VAL A 42 11.51 -0.97 6.95
CA VAL A 42 10.99 -1.83 5.90
C VAL A 42 11.07 -3.24 6.49
N ASP A 43 10.15 -4.10 6.09
CA ASP A 43 10.18 -5.49 6.47
C ASP A 43 9.78 -6.27 5.22
N MSE A 44 10.29 -7.49 5.12
CA MSE A 44 10.16 -8.25 3.91
C MSE A 44 9.57 -9.60 4.17
O MSE A 44 10.07 -10.33 5.03
CB MSE A 44 11.52 -8.36 3.25
CG MSE A 44 11.63 -9.32 2.13
SE MSE A 44 10.75 -8.70 0.45
CE MSE A 44 9.46 -9.85 0.52
N VAL A 45 8.49 -9.93 3.44
CA VAL A 45 7.88 -11.29 3.53
C VAL A 45 8.31 -12.07 2.30
N LEU A 46 9.22 -13.01 2.49
CA LEU A 46 9.74 -13.87 1.43
C LEU A 46 9.08 -15.23 1.50
N LEU A 47 8.44 -15.61 0.39
CA LEU A 47 7.68 -16.83 0.29
C LEU A 47 8.28 -17.64 -0.84
N CYS A 48 8.46 -18.92 -0.58
CA CYS A 48 8.89 -19.84 -1.62
C CYS A 48 8.00 -21.09 -1.56
N TYR A 49 8.26 -22.05 -2.44
CA TYR A 49 7.56 -23.29 -2.37
C TYR A 49 8.48 -24.44 -2.72
N ASN A 50 8.64 -25.43 -1.82
CA ASN A 50 9.30 -26.69 -2.15
C ASN A 50 8.38 -27.72 -2.87
N LYS A 51 8.64 -28.09 -4.13
CA LYS A 51 7.73 -29.00 -4.89
C LYS A 51 7.68 -30.42 -4.39
N GLU A 52 8.84 -30.97 -4.02
CA GLU A 52 8.92 -32.36 -3.64
C GLU A 52 8.13 -32.55 -2.36
N ALA A 53 8.29 -31.59 -1.45
CA ALA A 53 7.64 -31.60 -0.16
C ALA A 53 6.20 -31.12 -0.19
N ASP A 54 5.84 -30.39 -1.25
CA ASP A 54 4.58 -29.62 -1.36
C ASP A 54 4.47 -28.61 -0.20
N GLN A 55 5.52 -27.84 0.03
CA GLN A 55 5.64 -27.02 1.25
C GLN A 55 5.81 -25.57 0.85
N LEU A 56 4.87 -24.71 1.26
CA LEU A 56 5.10 -23.28 1.27
C LEU A 56 6.06 -22.99 2.43
N LYS A 57 7.01 -22.11 2.21
CA LYS A 57 7.90 -21.70 3.30
C LYS A 57 7.97 -20.18 3.35
N VAL A 58 8.33 -19.65 4.53
CA VAL A 58 8.48 -18.22 4.72
C VAL A 58 9.80 -18.00 5.50
N LEU A 59 10.57 -16.98 5.11
CA LEU A 59 11.86 -16.76 5.74
C LEU A 59 11.68 -15.93 7.04
N LEU A 60 12.27 -16.41 8.14
CA LEU A 60 12.25 -15.69 9.44
C LEU A 60 13.68 -15.61 9.94
N ILE A 61 14.00 -14.62 10.75
CA ILE A 61 15.30 -14.53 11.37
C ILE A 61 15.04 -14.52 12.85
N GLN A 62 16.03 -15.01 13.63
CA GLN A 62 16.04 -14.86 15.08
C GLN A 62 16.88 -13.63 15.37
N ARG A 63 16.23 -12.64 15.97
CA ARG A 63 16.88 -11.37 16.28
C ARG A 63 17.94 -11.56 17.34
N LYS A 64 19.09 -10.95 17.15
CA LYS A 64 20.08 -11.13 18.15
C LYS A 64 20.16 -9.98 19.17
N GLY A 65 19.58 -8.84 18.81
CA GLY A 65 19.58 -7.66 19.64
C GLY A 65 18.18 -7.19 19.93
N HIS A 66 18.10 -6.34 20.96
CA HIS A 66 16.88 -5.71 21.37
C HIS A 66 16.38 -4.69 20.34
N PRO A 67 15.06 -4.37 20.33
CA PRO A 67 13.95 -4.96 21.08
C PRO A 67 13.63 -6.34 20.52
N PHE A 68 13.04 -7.21 21.35
CA PHE A 68 12.72 -8.58 20.97
C PHE A 68 13.91 -9.39 20.64
N ARG A 69 14.99 -9.24 21.42
CA ARG A 69 16.11 -10.16 21.38
C ARG A 69 15.66 -11.62 21.46
N ASN A 70 16.17 -12.44 20.53
CA ASN A 70 15.90 -13.86 20.52
C ASN A 70 14.52 -14.28 20.01
N SER A 71 13.69 -13.30 19.68
CA SER A 71 12.41 -13.59 19.09
C SER A 71 12.66 -13.82 17.57
N TRP A 72 11.77 -14.59 16.94
CA TRP A 72 11.73 -14.71 15.49
C TRP A 72 10.95 -13.55 14.89
N ALA A 73 11.34 -13.16 13.68
CA ALA A 73 10.92 -11.91 13.15
C ALA A 73 11.06 -11.96 11.62
N LEU A 74 10.36 -11.09 10.90
CA LEU A 74 10.77 -10.82 9.48
C LEU A 74 12.11 -10.11 9.41
N PRO A 75 12.86 -10.34 8.32
CA PRO A 75 14.05 -9.52 8.10
C PRO A 75 13.59 -8.09 7.77
N GLY A 76 14.30 -7.06 8.23
CA GLY A 76 13.96 -5.68 7.85
C GLY A 76 14.87 -4.70 8.57
N GLY A 77 14.64 -3.42 8.42
CA GLY A 77 15.56 -2.48 9.03
C GLY A 77 15.24 -1.08 8.66
N PHE A 78 16.10 -0.18 9.06
CA PHE A 78 15.94 1.26 8.93
C PHE A 78 16.22 1.73 7.52
N VAL A 79 15.32 2.55 6.97
CA VAL A 79 15.65 3.18 5.73
C VAL A 79 16.53 4.40 5.93
N ASN A 80 17.54 4.52 5.07
CA ASN A 80 18.46 5.64 5.06
C ASN A 80 17.86 6.81 4.24
N ARG A 81 18.14 8.05 4.68
CA ARG A 81 17.69 9.27 3.97
C ARG A 81 17.86 9.32 2.41
N ASN A 82 18.94 8.77 1.90
CA ASN A 82 19.18 8.77 0.46
C ASN A 82 18.64 7.54 -0.34
N GLU A 83 17.64 6.83 0.21
CA GLU A 83 17.14 5.56 -0.31
C GLU A 83 15.59 5.59 -0.28
N SER A 84 14.96 5.02 -1.31
CA SER A 84 13.51 4.78 -1.27
C SER A 84 13.38 3.55 -0.42
N THR A 85 12.15 3.25 0.00
CA THR A 85 11.87 2.04 0.73
C THR A 85 12.15 0.80 -0.09
N GLU A 86 11.81 0.81 -1.38
CA GLU A 86 12.18 -0.23 -2.33
C GLU A 86 13.72 -0.59 -2.30
N ASP A 87 14.58 0.41 -2.48
CA ASP A 87 16.04 0.26 -2.38
C ASP A 87 16.42 -0.35 -1.02
N SER A 88 15.81 0.21 0.02
CA SER A 88 16.17 -0.14 1.39
C SER A 88 15.81 -1.63 1.69
N VAL A 89 14.63 -2.06 1.26
CA VAL A 89 14.19 -3.43 1.60
C VAL A 89 15.04 -4.49 0.90
N LEU A 90 15.48 -4.17 -0.33
CA LEU A 90 16.40 -5.01 -1.04
C LEU A 90 17.79 -5.10 -0.44
N ARG A 91 18.32 -3.96 0.03
CA ARG A 91 19.60 -3.87 0.76
C ARG A 91 19.55 -4.62 2.11
N GLU A 92 18.50 -4.40 2.90
CA GLU A 92 18.30 -5.09 4.20
C GLU A 92 18.11 -6.58 4.10
N THR A 93 17.43 -7.03 3.05
CA THR A 93 17.20 -8.45 2.84
C THR A 93 18.53 -9.13 2.48
N LYS A 94 19.29 -8.52 1.59
CA LYS A 94 20.63 -9.01 1.30
C LYS A 94 21.57 -9.02 2.52
N GLU A 95 21.63 -7.92 3.28
CA GLU A 95 22.58 -7.80 4.43
C GLU A 95 22.24 -8.84 5.48
N GLU A 96 20.92 -9.03 5.72
CA GLU A 96 20.39 -9.94 6.77
C GLU A 96 20.21 -11.41 6.41
N THR A 97 20.05 -11.73 5.11
CA THR A 97 19.68 -13.10 4.69
C THR A 97 20.57 -13.65 3.60
N GLY A 98 21.33 -12.76 2.94
CA GLY A 98 22.13 -13.14 1.79
C GLY A 98 21.37 -13.21 0.48
N VAL A 99 20.08 -12.98 0.49
CA VAL A 99 19.27 -13.19 -0.73
C VAL A 99 19.24 -11.92 -1.61
N VAL A 100 19.55 -12.13 -2.90
CA VAL A 100 19.46 -11.11 -3.91
C VAL A 100 18.13 -11.26 -4.70
N ILE A 101 17.21 -10.29 -4.52
CA ILE A 101 15.98 -10.12 -5.33
C ILE A 101 16.13 -8.80 -6.12
N SER A 102 15.48 -8.70 -7.28
CA SER A 102 15.39 -7.43 -8.03
C SER A 102 14.06 -6.72 -7.78
N GLN A 103 14.03 -5.41 -8.07
CA GLN A 103 12.86 -4.55 -7.77
C GLN A 103 11.60 -5.02 -8.44
N GLU A 104 11.74 -5.50 -9.68
CA GLU A 104 10.66 -5.88 -10.53
C GLU A 104 9.95 -7.06 -9.91
N ASN A 105 10.63 -7.77 -8.99
CA ASN A 105 10.08 -8.97 -8.31
C ASN A 105 9.56 -8.84 -6.86
N ILE A 106 9.50 -7.61 -6.38
CA ILE A 106 8.90 -7.35 -5.10
C ILE A 106 7.61 -6.56 -5.31
N GLU A 107 6.67 -6.70 -4.38
CA GLU A 107 5.56 -5.79 -4.36
C GLU A 107 5.40 -5.16 -2.97
N GLN A 108 5.04 -3.89 -2.93
CA GLN A 108 4.75 -3.27 -1.65
C GLN A 108 3.48 -3.90 -1.06
N LEU A 109 3.51 -4.25 0.23
CA LEU A 109 2.36 -4.98 0.75
C LEU A 109 1.41 -4.01 1.53
N HIS A 110 1.95 -3.36 2.55
CA HIS A 110 1.18 -2.55 3.45
C HIS A 110 2.14 -1.79 4.38
N SER A 111 1.74 -0.58 4.80
CA SER A 111 2.48 0.17 5.79
C SER A 111 1.73 0.10 7.11
N PHE A 112 2.50 -0.24 8.15
CA PHE A 112 2.04 -0.39 9.53
C PHE A 112 2.56 0.72 10.37
N SER A 113 1.63 1.40 11.06
CA SER A 113 1.88 2.64 11.67
C SER A 113 1.22 2.79 13.04
N ARG A 114 0.73 1.70 13.57
CA ARG A 114 0.12 1.74 14.88
C ARG A 114 1.14 2.39 15.85
N PRO A 115 0.71 3.40 16.63
CA PRO A 115 1.65 4.26 17.35
C PRO A 115 2.55 3.55 18.37
N ASP A 116 2.19 2.34 18.80
CA ASP A 116 3.00 1.59 19.73
C ASP A 116 3.44 0.22 19.23
N ARG A 117 3.51 0.03 17.91
CA ARG A 117 4.00 -1.22 17.36
C ARG A 117 5.51 -1.53 17.69
N ASP A 118 6.33 -0.51 17.98
CA ASP A 118 7.77 -0.73 18.29
C ASP A 118 8.08 -0.14 19.66
N PRO A 119 8.64 -0.93 20.60
CA PRO A 119 8.98 -0.29 21.92
C PRO A 119 10.05 0.86 21.87
N ARG A 120 10.74 1.05 20.72
CA ARG A 120 11.70 2.19 20.57
C ARG A 120 11.05 3.59 20.46
N GLY A 121 9.80 3.68 20.01
CA GLY A 121 9.02 4.90 20.05
C GLY A 121 8.18 4.90 18.82
N TRP A 122 8.13 6.01 18.12
CA TRP A 122 7.47 6.14 16.84
C TRP A 122 8.25 5.55 15.64
N VAL A 123 7.83 4.38 15.23
CA VAL A 123 8.48 3.62 14.14
C VAL A 123 7.43 3.13 13.18
N VAL A 124 7.60 3.49 11.90
CA VAL A 124 6.62 3.10 10.85
C VAL A 124 7.35 2.19 9.85
N THR A 125 6.67 1.12 9.46
CA THR A 125 7.25 0.20 8.57
C THR A 125 6.48 0.07 7.22
N VAL A 126 7.20 -0.02 6.12
CA VAL A 126 6.61 -0.30 4.88
C VAL A 126 6.99 -1.76 4.63
N SER A 127 6.01 -2.62 4.65
CA SER A 127 6.30 -4.00 4.36
C SER A 127 6.17 -4.34 2.84
N TYR A 128 6.94 -5.34 2.44
CA TYR A 128 6.98 -5.89 1.09
C TYR A 128 6.79 -7.40 1.09
N LEU A 129 6.39 -7.90 -0.08
CA LEU A 129 6.11 -9.32 -0.35
C LEU A 129 6.89 -9.72 -1.61
N ALA A 130 7.54 -10.87 -1.59
CA ALA A 130 8.13 -11.41 -2.83
C ALA A 130 8.05 -12.91 -2.80
N PHE A 131 7.91 -13.46 -4.01
CA PHE A 131 7.86 -14.90 -4.30
C PHE A 131 9.14 -15.26 -4.99
N ILE A 132 9.88 -16.22 -4.45
CA ILE A 132 11.23 -16.51 -4.89
C ILE A 132 11.52 -18.02 -4.78
N GLY A 133 12.71 -18.45 -5.20
CA GLY A 133 13.15 -19.80 -4.94
C GLY A 133 13.61 -19.94 -3.51
N GLU A 134 13.73 -21.20 -3.07
CA GLU A 134 14.25 -21.56 -1.76
C GLU A 134 15.78 -21.45 -1.78
N GLU A 135 16.28 -20.20 -1.76
CA GLU A 135 17.71 -19.91 -1.88
C GLU A 135 18.47 -20.36 -0.65
N PRO A 136 19.78 -20.64 -0.81
CA PRO A 136 20.69 -20.71 0.34
C PRO A 136 20.73 -19.38 1.11
N LEU A 137 20.87 -19.49 2.41
CA LEU A 137 20.65 -18.34 3.27
C LEU A 137 21.95 -18.12 4.02
N ILE A 138 22.40 -16.87 4.20
CA ILE A 138 23.46 -16.55 5.18
C ILE A 138 23.09 -15.38 6.10
N ALA A 139 23.11 -15.64 7.39
CA ALA A 139 22.80 -14.65 8.38
C ALA A 139 23.67 -13.38 8.25
N GLY A 140 23.09 -12.22 8.47
CA GLY A 140 23.87 -11.03 8.65
C GLY A 140 24.18 -11.00 10.12
N ASP A 141 24.86 -9.94 10.56
CA ASP A 141 25.36 -9.82 11.93
C ASP A 141 24.26 -9.78 13.00
N ASP A 142 23.15 -9.10 12.67
CA ASP A 142 21.96 -8.96 13.57
C ASP A 142 20.98 -10.14 13.60
N ALA A 143 21.34 -11.21 12.89
CA ALA A 143 20.48 -12.35 12.83
C ALA A 143 21.25 -13.50 13.41
N LYS A 144 20.69 -14.09 14.47
CA LYS A 144 21.31 -15.23 15.18
C LYS A 144 21.06 -16.50 14.38
N GLU A 145 19.95 -16.54 13.67
CA GLU A 145 19.63 -17.62 12.77
C GLU A 145 18.73 -17.05 11.70
N VAL A 146 18.71 -17.75 10.58
CA VAL A 146 17.88 -17.39 9.44
C VAL A 146 17.44 -18.71 8.81
N HIS A 147 16.15 -18.88 8.64
CA HIS A 147 15.64 -20.18 8.18
C HIS A 147 14.42 -19.94 7.36
N TRP A 148 14.19 -20.88 6.44
CA TRP A 148 12.93 -21.03 5.75
C TRP A 148 12.03 -21.82 6.68
N PHE A 149 11.01 -21.17 7.23
CA PHE A 149 10.03 -21.85 8.07
C PHE A 149 8.97 -22.48 7.19
N ASN A 150 8.61 -23.70 7.52
CA ASN A 150 7.44 -24.32 6.94
C ASN A 150 6.18 -23.53 7.22
N LEU A 151 5.43 -23.21 6.18
CA LEU A 151 4.18 -22.49 6.36
C LEU A 151 2.96 -23.35 5.89
N GLU A 152 2.04 -23.63 6.80
CA GLU A 152 0.91 -24.49 6.49
C GLU A 152 -0.42 -23.86 6.96
N ARG A 153 -1.41 -23.87 6.08
CA ARG A 153 -2.79 -23.48 6.43
C ARG A 153 -3.68 -24.62 6.97
N HIS A 154 -4.28 -24.38 8.14
CA HIS A 154 -5.26 -25.29 8.73
C HIS A 154 -6.51 -24.49 9.05
N GLY A 155 -7.46 -24.45 8.11
CA GLY A 155 -8.72 -23.77 8.31
C GLY A 155 -8.43 -22.30 8.30
N GLN A 156 -8.67 -21.63 9.41
CA GLN A 156 -8.50 -20.16 9.44
C GLN A 156 -7.17 -19.74 10.11
N HIS A 157 -6.27 -20.70 10.28
CA HIS A 157 -4.97 -20.52 10.93
C HIS A 157 -3.88 -20.95 10.01
N ILE A 158 -2.72 -20.38 10.25
CA ILE A 158 -1.48 -20.79 9.61
C ILE A 158 -0.44 -21.05 10.66
N THR A 159 0.38 -22.05 10.42
CA THR A 159 1.48 -22.38 11.31
C THR A 159 2.82 -22.24 10.52
N LEU A 160 3.77 -21.54 11.11
CA LEU A 160 5.13 -21.42 10.68
C LEU A 160 5.97 -22.27 11.61
N SER A 161 6.68 -23.23 11.05
CA SER A 161 7.46 -24.12 11.86
C SER A 161 8.87 -24.34 11.36
N HIS A 162 9.79 -24.46 12.30
CA HIS A 162 11.15 -24.89 12.05
C HIS A 162 11.60 -25.60 13.35
N GLU A 163 12.15 -26.81 13.23
CA GLU A 163 12.60 -27.60 14.40
C GLU A 163 11.51 -27.52 15.50
N ASP A 164 11.86 -27.01 16.69
CA ASP A 164 10.90 -26.93 17.81
C ASP A 164 10.15 -25.62 17.94
N VAL A 165 10.35 -24.74 16.95
CA VAL A 165 9.68 -23.47 16.89
C VAL A 165 8.33 -23.61 16.21
N GLU A 166 7.31 -23.01 16.82
CA GLU A 166 5.92 -23.16 16.40
C GLU A 166 5.19 -21.85 16.64
N ILE A 167 4.78 -21.24 15.55
CA ILE A 167 4.06 -19.98 15.52
C ILE A 167 2.80 -20.21 14.72
N THR A 168 1.67 -19.96 15.37
CA THR A 168 0.33 -20.23 14.84
C THR A 168 -0.43 -18.94 14.95
N LEU A 169 -0.96 -18.50 13.81
CA LEU A 169 -1.64 -17.22 13.65
C LEU A 169 -3.05 -17.42 13.11
N ASP A 170 -3.95 -16.63 13.68
CA ASP A 170 -5.35 -16.53 13.23
C ASP A 170 -5.45 -15.60 12.02
N LEU A 171 -5.88 -16.14 10.89
CA LEU A 171 -6.04 -15.37 9.66
C LEU A 171 -7.01 -14.21 9.70
N LYS A 172 -7.94 -14.20 10.66
CA LYS A 172 -8.91 -13.08 10.73
C LYS A 172 -8.55 -12.02 11.78
N THR A 173 -7.84 -12.38 12.85
CA THR A 173 -7.54 -11.40 13.92
C THR A 173 -6.06 -11.18 14.18
N ALA A 174 -5.21 -11.97 13.49
CA ALA A 174 -3.75 -11.99 13.71
C ALA A 174 -3.38 -12.43 15.11
N ALA A 175 -4.36 -12.88 15.91
CA ALA A 175 -4.11 -13.59 17.18
C ALA A 175 -3.09 -14.71 17.04
N SER A 176 -2.30 -14.88 18.10
CA SER A 176 -1.16 -15.77 18.10
C SER A 176 -1.37 -16.93 19.07
N LEU A 177 -1.42 -18.15 18.54
CA LEU A 177 -1.92 -19.26 19.35
C LEU A 177 -0.84 -20.24 19.69
N GLY A 178 0.36 -20.04 19.11
CA GLY A 178 1.41 -21.02 19.21
C GLY A 178 2.38 -20.80 20.37
N LYS A 179 3.27 -21.79 20.55
CA LYS A 179 4.40 -21.75 21.48
C LYS A 179 5.17 -20.39 21.40
N ASP A 180 5.60 -20.09 20.18
CA ASP A 180 6.41 -18.93 19.91
C ASP A 180 5.59 -17.76 19.35
N THR A 181 6.03 -16.55 19.66
CA THR A 181 5.39 -15.32 19.33
C THR A 181 6.36 -14.47 18.46
N LEU A 182 5.90 -14.01 17.31
CA LEU A 182 6.70 -13.13 16.47
C LEU A 182 6.95 -11.80 17.17
N ALA A 183 8.18 -11.30 16.97
CA ALA A 183 8.53 -9.94 17.32
C ALA A 183 7.58 -8.85 16.76
N PHE A 184 7.51 -7.73 17.46
CA PHE A 184 6.81 -6.56 16.98
C PHE A 184 5.36 -6.92 16.65
N ASP A 185 4.87 -6.41 15.51
CA ASP A 185 3.55 -6.70 14.96
C ASP A 185 3.73 -7.57 13.71
N HIS A 186 4.81 -8.34 13.65
CA HIS A 186 5.08 -9.20 12.46
C HIS A 186 4.06 -10.31 12.20
N SER A 187 3.34 -10.72 13.24
CA SER A 187 2.22 -11.65 13.01
C SER A 187 1.13 -11.01 12.12
N GLU A 188 0.84 -9.72 12.36
CA GLU A 188 -0.08 -8.97 11.51
C GLU A 188 0.39 -8.81 10.09
N ILE A 189 1.68 -8.61 9.94
CA ILE A 189 2.29 -8.47 8.65
C ILE A 189 2.27 -9.83 7.86
N ILE A 190 2.55 -10.95 8.51
CA ILE A 190 2.49 -12.23 7.81
C ILE A 190 1.07 -12.62 7.36
N ILE A 191 0.12 -12.41 8.26
CA ILE A 191 -1.31 -12.57 7.94
C ILE A 191 -1.72 -11.64 6.80
N LYS A 192 -1.31 -10.39 6.84
CA LYS A 192 -1.60 -9.47 5.68
C LYS A 192 -1.06 -10.03 4.36
N ALA A 193 0.16 -10.52 4.38
CA ALA A 193 0.81 -11.12 3.19
C ALA A 193 0.07 -12.36 2.73
N PHE A 194 -0.33 -13.22 3.70
CA PHE A 194 -0.97 -14.47 3.34
C PHE A 194 -2.35 -14.23 2.70
N ASN A 195 -3.14 -13.35 3.34
CA ASN A 195 -4.48 -12.99 2.87
C ASN A 195 -4.42 -12.21 1.53
N ARG A 196 -3.35 -11.44 1.31
CA ARG A 196 -3.19 -10.67 0.08
C ARG A 196 -3.04 -11.62 -1.12
N VAL A 197 -2.27 -12.68 -0.94
CA VAL A 197 -2.12 -13.73 -1.96
C VAL A 197 -3.45 -14.48 -2.28
N VAL A 198 -4.13 -15.02 -1.25
CA VAL A 198 -5.52 -15.52 -1.35
C VAL A 198 -6.47 -14.57 -2.09
N ASP A 199 -6.43 -13.26 -1.76
CA ASP A 199 -7.25 -12.22 -2.44
C ASP A 199 -6.92 -11.91 -3.89
N LYS A 200 -5.69 -12.20 -4.30
CA LYS A 200 -5.18 -11.71 -5.58
C LYS A 200 -5.02 -12.83 -6.58
N MSE A 201 -4.68 -14.04 -6.09
CA MSE A 201 -4.21 -15.12 -6.96
C MSE A 201 -5.18 -15.59 -8.06
O MSE A 201 -4.76 -16.04 -9.10
CB MSE A 201 -3.69 -16.30 -6.16
CG MSE A 201 -4.72 -17.00 -5.32
SE MSE A 201 -3.89 -18.34 -4.15
CE MSE A 201 -5.56 -19.52 -3.90
N GLU A 202 -6.50 -15.42 -7.81
CA GLU A 202 -7.55 -15.88 -8.73
C GLU A 202 -7.60 -15.06 -10.03
N HIS A 203 -7.22 -13.78 -9.93
CA HIS A 203 -7.32 -12.82 -11.05
C HIS A 203 -5.98 -12.11 -11.32
N GLU A 204 -5.01 -12.37 -10.45
CA GLU A 204 -3.64 -11.94 -10.69
C GLU A 204 -2.70 -12.96 -10.03
N PRO A 205 -2.36 -14.05 -10.76
CA PRO A 205 -1.64 -15.17 -10.14
C PRO A 205 -0.11 -15.00 -10.06
N GLN A 206 0.35 -13.82 -9.63
CA GLN A 206 1.79 -13.59 -9.48
C GLN A 206 2.43 -14.67 -8.61
N VAL A 207 1.72 -15.11 -7.58
CA VAL A 207 2.23 -16.14 -6.63
C VAL A 207 2.83 -17.39 -7.29
N LEU A 208 2.32 -17.75 -8.48
CA LEU A 208 2.87 -18.90 -9.27
C LEU A 208 4.34 -18.69 -9.65
N GLN A 209 4.90 -17.51 -9.36
CA GLN A 209 6.35 -17.25 -9.43
C GLN A 209 7.17 -18.22 -8.58
N VAL A 210 6.65 -18.59 -7.40
CA VAL A 210 7.33 -19.57 -6.54
C VAL A 210 7.63 -20.95 -7.22
N LEU A 211 6.98 -21.16 -8.37
CA LEU A 211 7.10 -22.39 -9.14
C LEU A 211 8.24 -22.34 -10.14
N GLY A 212 8.81 -21.15 -10.37
CA GLY A 212 10.07 -21.01 -11.05
C GLY A 212 10.07 -21.00 -12.58
N LYS A 213 9.18 -20.17 -13.14
CA LYS A 213 9.24 -19.84 -14.59
C LYS A 213 8.58 -20.84 -15.55
N ASP A 214 8.42 -22.10 -15.14
CA ASP A 214 7.42 -22.93 -15.81
C ASP A 214 6.66 -23.89 -14.88
N PHE A 215 5.46 -24.31 -15.32
CA PHE A 215 4.55 -25.10 -14.48
C PHE A 215 3.39 -25.78 -15.21
N THR A 216 3.06 -26.99 -14.74
CA THR A 216 1.78 -27.63 -15.09
C THR A 216 0.56 -27.05 -14.34
N ILE A 217 -0.63 -27.35 -14.86
CA ILE A 217 -1.87 -27.06 -14.16
C ILE A 217 -1.93 -27.77 -12.77
N THR A 218 -1.44 -29.00 -12.65
CA THR A 218 -1.32 -29.68 -11.34
C THR A 218 -0.43 -28.94 -10.31
N GLU A 219 0.74 -28.48 -10.74
CA GLU A 219 1.58 -27.68 -9.83
C GLU A 219 0.85 -26.39 -9.38
N ALA A 220 0.24 -25.69 -10.34
CA ALA A 220 -0.48 -24.46 -10.04
C ALA A 220 -1.63 -24.74 -9.09
N ARG A 221 -2.42 -25.79 -9.37
CA ARG A 221 -3.43 -26.24 -8.41
C ARG A 221 -2.87 -26.49 -6.98
N LYS A 222 -1.70 -27.14 -6.88
CA LYS A 222 -1.06 -27.51 -5.58
C LYS A 222 -0.61 -26.29 -4.78
N VAL A 223 -0.16 -25.25 -5.48
CA VAL A 223 0.16 -23.98 -4.87
C VAL A 223 -1.13 -23.29 -4.39
N PHE A 224 -2.09 -23.11 -5.28
CA PHE A 224 -3.39 -22.61 -4.91
C PHE A 224 -4.04 -23.34 -3.70
N ALA A 225 -3.93 -24.66 -3.64
CA ALA A 225 -4.53 -25.40 -2.53
C ALA A 225 -3.78 -25.15 -1.19
N LYS A 226 -2.45 -24.99 -1.24
CA LYS A 226 -1.67 -24.63 -0.03
C LYS A 226 -2.14 -23.27 0.58
N PHE A 227 -2.46 -22.30 -0.29
CA PHE A 227 -3.06 -21.04 0.18
C PHE A 227 -4.54 -21.16 0.59
N LEU A 228 -5.27 -22.05 -0.07
CA LEU A 228 -6.70 -22.28 0.21
C LEU A 228 -6.87 -23.14 1.42
N GLY A 229 -5.90 -24.03 1.66
CA GLY A 229 -5.91 -24.93 2.81
C GLY A 229 -6.77 -26.14 2.51
N VAL A 230 -6.86 -26.48 1.23
CA VAL A 230 -7.61 -27.64 0.76
C VAL A 230 -6.66 -28.66 0.05
N ASP A 231 -7.17 -29.85 -0.19
CA ASP A 231 -6.56 -30.85 -1.03
C ASP A 231 -6.62 -30.40 -2.50
N TYR A 232 -5.45 -30.32 -3.16
CA TYR A 232 -5.38 -29.98 -4.60
C TYR A 232 -6.40 -30.73 -5.51
N ARG A 233 -6.78 -31.94 -5.10
CA ARG A 233 -7.69 -32.78 -5.88
C ARG A 233 -9.12 -32.27 -5.86
N SER A 234 -9.40 -31.39 -4.88
CA SER A 234 -10.71 -30.75 -4.73
C SER A 234 -10.86 -29.49 -5.65
N ILE A 235 -9.76 -29.08 -6.28
CA ILE A 235 -9.79 -28.06 -7.33
C ILE A 235 -9.83 -28.76 -8.71
N ASP A 236 -11.01 -28.80 -9.33
CA ASP A 236 -11.13 -29.47 -10.59
C ASP A 236 -10.14 -28.92 -11.62
N HIS A 237 -9.40 -29.86 -12.24
CA HIS A 237 -8.36 -29.56 -13.22
C HIS A 237 -8.89 -28.77 -14.42
N SER A 238 -10.00 -29.28 -14.98
CA SER A 238 -10.66 -28.76 -16.18
C SER A 238 -11.28 -27.36 -15.99
N ASN A 239 -11.82 -27.11 -14.77
CA ASN A 239 -12.39 -25.81 -14.44
C ASN A 239 -11.30 -24.77 -14.15
N PHE A 240 -10.21 -25.23 -13.54
CA PHE A 240 -9.04 -24.39 -13.22
C PHE A 240 -8.28 -24.04 -14.50
N LYS A 241 -8.04 -25.03 -15.36
CA LYS A 241 -7.39 -24.82 -16.66
C LYS A 241 -8.07 -23.69 -17.45
N LYS A 242 -9.49 -23.73 -17.39
CA LYS A 242 -10.23 -22.75 -18.19
C LYS A 242 -10.25 -21.34 -17.60
N ALA A 243 -10.47 -21.26 -16.29
CA ALA A 243 -10.53 -20.01 -15.57
C ALA A 243 -9.19 -19.23 -15.51
N MSE A 244 -8.07 -19.93 -15.63
CA MSE A 244 -6.77 -19.31 -15.35
C MSE A 244 -5.84 -19.12 -16.55
O MSE A 244 -4.82 -18.44 -16.42
CB MSE A 244 -6.03 -20.15 -14.31
CG MSE A 244 -6.76 -20.29 -13.02
SE MSE A 244 -7.04 -18.58 -12.06
CE MSE A 244 -8.49 -19.42 -10.76
N THR A 245 -6.18 -19.74 -17.68
CA THR A 245 -5.23 -19.82 -18.80
C THR A 245 -4.85 -18.43 -19.37
N GLN A 246 -5.92 -17.59 -19.37
CA GLN A 246 -5.81 -16.17 -19.72
C GLN A 246 -4.57 -15.45 -19.13
N TYR A 247 -4.04 -15.92 -18.01
CA TYR A 247 -2.82 -15.33 -17.43
C TYR A 247 -1.53 -16.05 -17.84
N PHE A 248 -1.67 -17.09 -18.68
CA PHE A 248 -0.59 -18.06 -18.94
C PHE A 248 0.06 -18.04 -20.33
N GLU A 249 1.20 -18.73 -20.45
CA GLU A 249 1.95 -18.87 -21.69
C GLU A 249 1.99 -20.38 -22.05
N GLU A 250 3.03 -21.14 -21.63
CA GLU A 250 4.40 -20.96 -22.11
C GLU A 250 4.43 -21.84 -23.38
N LEU A 251 4.92 -23.08 -23.27
CA LEU A 251 5.10 -23.99 -24.42
C LEU A 251 4.48 -25.40 -24.20
N GLY A 252 5.26 -26.46 -24.48
CA GLY A 252 4.93 -27.81 -24.01
C GLY A 252 6.23 -28.46 -23.49
N GLU A 253 6.21 -29.74 -23.07
CA GLU A 253 5.02 -30.59 -22.89
C GLU A 253 5.38 -31.63 -21.82
N PRO A 261 0.91 -36.62 -21.31
CA PRO A 261 2.13 -35.85 -21.63
C PRO A 261 1.83 -34.32 -21.55
N SER A 262 1.65 -33.82 -20.29
CA SER A 262 0.92 -32.56 -20.06
C SER A 262 1.69 -31.22 -20.16
N LYS A 263 0.91 -30.11 -20.31
CA LYS A 263 1.48 -28.80 -20.68
C LYS A 263 2.17 -28.00 -19.55
N ILE A 264 3.23 -27.34 -20.01
CA ILE A 264 4.06 -26.40 -19.27
C ILE A 264 3.59 -24.99 -19.65
N TYR A 265 3.41 -24.12 -18.65
CA TYR A 265 3.07 -22.70 -18.82
C TYR A 265 4.01 -21.80 -18.01
N GLN A 266 4.22 -20.57 -18.48
CA GLN A 266 4.76 -19.50 -17.67
C GLN A 266 3.72 -18.41 -17.60
N LEU A 267 3.88 -17.51 -16.64
CA LEU A 267 3.06 -16.31 -16.54
C LEU A 267 3.46 -15.41 -17.70
N LYS A 268 2.50 -14.65 -18.24
CA LYS A 268 2.74 -13.67 -19.33
C LYS A 268 2.52 -12.17 -18.83
N PHE B 4 32.80 1.38 29.17
CA PHE B 4 33.03 1.03 27.73
C PHE B 4 34.20 1.82 27.16
N ALA B 5 34.95 1.20 26.24
CA ALA B 5 36.14 1.84 25.65
C ALA B 5 35.87 2.77 24.43
N SER B 6 34.66 2.71 23.88
CA SER B 6 34.22 3.59 22.77
C SER B 6 32.69 3.55 22.45
N LYS B 7 32.34 3.86 21.19
CA LYS B 7 30.97 3.99 20.68
C LYS B 7 30.14 2.72 20.59
N ALA B 8 30.75 1.62 20.13
CA ALA B 8 29.91 0.47 19.79
C ALA B 8 30.56 -0.90 19.64
N GLU B 9 30.86 -1.67 20.71
CA GLU B 9 31.12 -1.29 22.13
C GLU B 9 30.16 -1.83 23.27
N GLU B 10 29.59 -1.08 24.21
CA GLU B 10 28.67 0.12 24.11
C GLU B 10 27.37 -0.26 23.38
N LYS B 11 27.19 0.15 22.10
CA LYS B 11 26.09 -0.31 21.25
C LYS B 11 25.81 -1.81 21.39
N ASN B 12 26.87 -2.61 21.31
CA ASN B 12 26.77 -4.07 21.45
C ASN B 12 26.31 -4.53 22.84
N TYR B 13 26.89 -3.96 23.90
CA TYR B 13 26.34 -4.32 25.22
C TYR B 13 24.80 -4.10 25.40
N TYR B 14 24.29 -2.94 24.96
CA TYR B 14 22.91 -2.56 25.23
C TYR B 14 21.93 -3.37 24.42
N GLU B 15 22.26 -3.61 23.16
CA GLU B 15 21.44 -4.46 22.27
C GLU B 15 21.40 -5.95 22.67
N ARG B 16 22.55 -6.49 23.12
CA ARG B 16 22.80 -7.93 23.14
C ARG B 16 22.92 -8.56 24.54
N GLN B 17 23.30 -7.73 25.52
CA GLN B 17 23.47 -8.20 26.87
C GLN B 17 22.55 -7.52 27.87
N ALA B 18 22.15 -6.28 27.65
CA ALA B 18 21.41 -5.57 28.68
C ALA B 18 19.93 -6.01 28.68
N SER B 19 19.24 -5.69 29.74
CA SER B 19 17.79 -5.89 29.83
C SER B 19 17.07 -4.95 28.84
N LEU B 20 15.82 -5.29 28.50
CA LEU B 20 15.00 -4.43 27.63
C LEU B 20 14.93 -2.98 28.12
N ALA B 21 14.54 -2.78 29.39
CA ALA B 21 14.44 -1.44 29.97
C ALA B 21 15.72 -0.59 29.89
N GLU B 22 16.84 -1.25 30.19
CA GLU B 22 18.16 -0.69 30.14
C GLU B 22 18.59 -0.29 28.71
N PHE B 23 18.32 -1.18 27.74
CA PHE B 23 18.38 -0.88 26.30
C PHE B 23 17.60 0.35 25.86
N LEU B 24 16.32 0.45 26.26
CA LEU B 24 15.42 1.52 25.82
C LEU B 24 15.81 2.86 26.41
N THR B 25 16.19 2.86 27.70
CA THR B 25 16.80 4.03 28.32
C THR B 25 18.02 4.57 27.55
N TRP B 26 18.98 3.69 27.23
CA TRP B 26 20.16 4.10 26.47
C TRP B 26 19.75 4.55 25.05
N TYR B 27 18.88 3.77 24.40
CA TYR B 27 18.35 4.15 23.07
C TYR B 27 17.78 5.58 23.00
N HIS B 28 16.90 5.90 23.92
CA HIS B 28 16.28 7.23 23.96
C HIS B 28 17.27 8.35 24.31
N GLN B 29 18.31 8.06 25.08
CA GLN B 29 19.25 9.14 25.37
C GLN B 29 20.24 9.43 24.21
N GLN B 30 20.24 8.55 23.21
CA GLN B 30 20.74 8.81 21.84
C GLN B 30 21.90 7.87 21.44
N TYR B 35 20.11 6.94 13.25
CA TYR B 35 19.65 7.20 11.88
C TYR B 35 18.74 8.44 11.81
N GLU B 36 18.93 9.30 10.77
CA GLU B 36 17.96 10.41 10.35
C GLU B 36 16.49 9.99 10.07
N LYS B 37 15.56 10.95 10.06
CA LYS B 37 14.11 10.66 10.11
C LYS B 37 13.32 11.50 9.10
N PRO B 38 12.39 10.87 8.35
CA PRO B 38 11.63 11.67 7.39
C PRO B 38 10.45 12.37 8.08
N SER B 39 9.90 13.44 7.49
CA SER B 39 8.56 13.92 7.83
C SER B 39 7.53 12.90 7.33
N LEU B 40 6.49 12.60 8.10
CA LEU B 40 5.56 11.55 7.66
C LEU B 40 4.17 12.15 7.33
N THR B 41 3.67 11.95 6.12
CA THR B 41 2.40 12.57 5.77
C THR B 41 1.46 11.52 5.22
N VAL B 42 0.20 11.92 5.04
CA VAL B 42 -0.76 11.15 4.22
C VAL B 42 -1.29 11.99 3.10
N ASP B 43 -1.59 11.38 1.94
CA ASP B 43 -2.26 12.04 0.86
C ASP B 43 -3.46 11.19 0.48
N MSE B 44 -4.54 11.86 0.05
CA MSE B 44 -5.78 11.17 -0.17
C MSE B 44 -6.30 11.47 -1.52
O MSE B 44 -6.37 12.63 -1.89
CB MSE B 44 -6.84 11.56 0.87
CG MSE B 44 -6.49 10.96 2.21
SE MSE B 44 -5.94 12.36 3.43
CE MSE B 44 -7.52 13.18 3.43
N VAL B 45 -6.61 10.41 -2.25
CA VAL B 45 -7.49 10.49 -3.45
C VAL B 45 -8.92 10.30 -2.96
N LEU B 46 -9.62 11.42 -2.83
CA LEU B 46 -10.98 11.48 -2.34
C LEU B 46 -11.85 11.47 -3.57
N LEU B 47 -12.67 10.42 -3.67
CA LEU B 47 -13.57 10.25 -4.76
C LEU B 47 -15.02 10.43 -4.27
N CYS B 48 -15.79 11.22 -5.00
CA CYS B 48 -17.23 11.34 -4.78
C CYS B 48 -17.91 11.12 -6.15
N TYR B 49 -19.22 11.06 -6.13
CA TYR B 49 -19.99 10.97 -7.38
C TYR B 49 -21.15 11.98 -7.21
N ASN B 50 -21.40 12.78 -8.23
CA ASN B 50 -22.48 13.73 -8.21
C ASN B 50 -23.62 13.08 -9.02
N LYS B 51 -24.72 12.65 -8.37
CA LYS B 51 -25.73 11.83 -9.12
C LYS B 51 -26.42 12.73 -10.15
N GLU B 52 -26.62 14.00 -9.77
CA GLU B 52 -27.28 14.97 -10.62
C GLU B 52 -26.49 15.34 -11.89
N ALA B 53 -25.16 15.39 -11.84
CA ALA B 53 -24.35 15.62 -13.06
C ALA B 53 -23.93 14.30 -13.72
N ASP B 54 -24.12 13.19 -12.99
CA ASP B 54 -23.55 11.87 -13.33
C ASP B 54 -22.05 11.96 -13.53
N GLN B 55 -21.35 12.52 -12.55
CA GLN B 55 -19.95 12.75 -12.64
C GLN B 55 -19.24 12.22 -11.40
N LEU B 56 -18.18 11.47 -11.72
CA LEU B 56 -17.17 10.99 -10.83
C LEU B 56 -16.14 12.13 -10.63
N LYS B 57 -15.80 12.39 -9.38
CA LYS B 57 -14.97 13.57 -9.05
C LYS B 57 -13.85 13.28 -8.07
N VAL B 58 -12.80 14.07 -8.13
CA VAL B 58 -11.66 13.90 -7.26
C VAL B 58 -11.22 15.31 -6.83
N LEU B 59 -10.92 15.47 -5.55
CA LEU B 59 -10.55 16.73 -4.97
C LEU B 59 -9.06 17.17 -5.19
N LEU B 60 -8.84 18.41 -5.62
CA LEU B 60 -7.45 18.94 -5.82
C LEU B 60 -7.44 20.35 -5.26
N ILE B 61 -6.26 20.82 -4.85
CA ILE B 61 -5.97 22.16 -4.30
C ILE B 61 -4.73 22.70 -5.06
N GLN B 62 -4.84 23.88 -5.64
CA GLN B 62 -3.68 24.42 -6.33
C GLN B 62 -2.65 25.00 -5.30
N ARG B 63 -1.38 24.71 -5.55
CA ARG B 63 -0.28 25.28 -4.67
C ARG B 63 0.01 26.73 -5.07
N LYS B 64 -0.22 27.63 -4.12
CA LYS B 64 0.15 29.05 -4.19
C LYS B 64 1.58 29.71 -4.37
N GLY B 65 2.76 29.17 -4.05
CA GLY B 65 3.16 28.15 -3.13
C GLY B 65 4.38 27.37 -3.64
N HIS B 66 5.58 27.90 -3.85
CA HIS B 66 6.74 26.93 -4.08
C HIS B 66 7.05 25.94 -2.93
N PRO B 67 7.54 24.70 -3.27
CA PRO B 67 7.84 24.15 -4.61
C PRO B 67 6.55 23.77 -5.38
N PHE B 68 6.66 23.64 -6.72
CA PHE B 68 5.48 23.31 -7.55
C PHE B 68 4.39 24.37 -7.42
N ARG B 69 4.79 25.64 -7.27
CA ARG B 69 3.88 26.80 -7.42
C ARG B 69 2.97 26.55 -8.65
N ASN B 70 1.65 26.61 -8.40
CA ASN B 70 0.64 26.56 -9.47
C ASN B 70 0.29 25.16 -10.02
N SER B 71 0.98 24.14 -9.49
CA SER B 71 0.58 22.75 -9.66
C SER B 71 -0.55 22.40 -8.71
N TRP B 72 -1.40 21.45 -9.13
CA TRP B 72 -2.48 20.96 -8.30
C TRP B 72 -1.96 19.81 -7.48
N ALA B 73 -2.46 19.72 -6.24
CA ALA B 73 -2.07 18.69 -5.28
C ALA B 73 -3.26 18.00 -4.66
N LEU B 74 -3.09 16.73 -4.36
CA LEU B 74 -4.05 16.04 -3.48
C LEU B 74 -4.12 16.70 -2.10
N PRO B 75 -5.28 16.56 -1.42
CA PRO B 75 -5.33 16.90 -0.03
C PRO B 75 -4.54 15.88 0.80
N GLY B 76 -4.11 16.28 1.98
CA GLY B 76 -3.50 15.39 2.94
C GLY B 76 -2.82 16.19 4.06
N GLY B 77 -1.85 15.62 4.75
CA GLY B 77 -1.30 16.39 5.91
C GLY B 77 -0.37 15.52 6.72
N PHE B 78 0.09 16.05 7.85
CA PHE B 78 1.06 15.37 8.70
C PHE B 78 0.37 14.37 9.56
N VAL B 79 1.02 13.22 9.72
CA VAL B 79 0.59 12.22 10.74
C VAL B 79 1.05 12.69 12.13
N ASN B 80 0.17 12.70 13.13
CA ASN B 80 0.64 13.06 14.48
C ASN B 80 1.21 11.78 15.13
N ARG B 81 2.17 12.00 16.03
CA ARG B 81 2.82 10.97 16.86
C ARG B 81 1.89 9.92 17.50
N ASN B 82 0.72 10.36 17.97
CA ASN B 82 -0.25 9.48 18.59
C ASN B 82 -1.28 8.85 17.66
N GLU B 83 -1.10 8.99 16.35
CA GLU B 83 -2.03 8.34 15.46
C GLU B 83 -1.36 7.43 14.39
N SER B 84 -2.16 6.45 13.97
CA SER B 84 -1.84 5.71 12.74
C SER B 84 -2.18 6.58 11.54
N THR B 85 -1.62 6.26 10.38
CA THR B 85 -1.96 6.93 9.14
C THR B 85 -3.46 6.81 8.79
N GLU B 86 -4.07 5.67 9.08
CA GLU B 86 -5.51 5.50 8.93
C GLU B 86 -6.22 6.56 9.77
N ASP B 87 -5.82 6.73 11.04
CA ASP B 87 -6.42 7.81 11.84
C ASP B 87 -6.23 9.19 11.19
N SER B 88 -5.04 9.47 10.65
CA SER B 88 -4.76 10.80 10.07
C SER B 88 -5.62 11.08 8.83
N VAL B 89 -5.90 10.04 8.01
CA VAL B 89 -6.77 10.19 6.88
C VAL B 89 -8.14 10.64 7.36
N LEU B 90 -8.71 9.99 8.41
CA LEU B 90 -10.07 10.29 8.86
C LEU B 90 -10.06 11.75 9.30
N ARG B 91 -9.03 12.17 10.05
CA ARG B 91 -8.90 13.55 10.55
C ARG B 91 -8.70 14.59 9.43
N GLU B 92 -7.78 14.33 8.52
CA GLU B 92 -7.48 15.25 7.45
C GLU B 92 -8.65 15.39 6.45
N THR B 93 -9.39 14.32 6.20
CA THR B 93 -10.54 14.40 5.32
C THR B 93 -11.62 15.25 5.92
N LYS B 94 -11.93 15.03 7.20
CA LYS B 94 -12.87 15.91 7.92
C LYS B 94 -12.48 17.41 7.92
N GLU B 95 -11.22 17.71 8.28
CA GLU B 95 -10.68 19.07 8.18
C GLU B 95 -10.89 19.69 6.82
N GLU B 96 -10.52 18.95 5.77
CA GLU B 96 -10.59 19.43 4.42
C GLU B 96 -12.00 19.62 3.89
N THR B 97 -12.83 18.61 4.01
CA THR B 97 -14.11 18.55 3.36
C THR B 97 -15.30 18.77 4.30
N GLY B 98 -15.09 18.57 5.61
CA GLY B 98 -16.20 18.52 6.56
C GLY B 98 -16.91 17.16 6.66
N VAL B 99 -16.53 16.16 5.86
CA VAL B 99 -17.25 14.84 5.87
C VAL B 99 -16.59 13.87 6.90
N VAL B 100 -17.44 13.24 7.73
CA VAL B 100 -17.05 12.11 8.61
C VAL B 100 -17.04 10.79 7.80
N ILE B 101 -15.84 10.27 7.55
CA ILE B 101 -15.71 8.90 7.04
C ILE B 101 -15.15 7.98 8.17
N SER B 102 -15.32 6.66 8.01
CA SER B 102 -14.63 5.71 8.89
C SER B 102 -13.64 4.98 8.02
N GLN B 103 -12.84 4.12 8.64
CA GLN B 103 -11.95 3.22 7.91
C GLN B 103 -12.64 2.27 6.91
N GLU B 104 -13.95 2.02 7.08
CA GLU B 104 -14.79 1.33 6.08
C GLU B 104 -14.77 2.01 4.73
N ASN B 105 -14.51 3.31 4.72
CA ASN B 105 -14.51 4.15 3.56
C ASN B 105 -13.13 4.40 2.96
N ILE B 106 -12.07 3.78 3.52
CA ILE B 106 -10.75 4.06 2.97
C ILE B 106 -9.99 2.81 2.54
N GLU B 107 -8.97 2.98 1.70
CA GLU B 107 -8.13 1.91 1.37
C GLU B 107 -6.72 2.42 1.26
N GLN B 108 -5.79 1.88 2.07
CA GLN B 108 -4.35 2.21 1.92
C GLN B 108 -3.87 1.76 0.53
N LEU B 109 -3.26 2.69 -0.18
CA LEU B 109 -2.88 2.47 -1.58
C LEU B 109 -1.39 2.10 -1.73
N HIS B 110 -0.51 2.89 -1.15
CA HIS B 110 0.90 2.79 -1.49
C HIS B 110 1.70 3.85 -0.78
N SER B 111 2.88 3.48 -0.36
CA SER B 111 3.78 4.43 0.23
C SER B 111 4.81 4.91 -0.74
N PHE B 112 4.83 6.25 -0.83
CA PHE B 112 5.76 7.01 -1.77
C PHE B 112 6.97 7.56 -1.04
N SER B 113 8.16 7.14 -1.46
CA SER B 113 9.40 7.44 -0.71
C SER B 113 10.68 7.78 -1.53
N ARG B 114 10.52 8.15 -2.81
CA ARG B 114 11.64 8.64 -3.59
C ARG B 114 12.32 9.73 -2.75
N PRO B 115 13.66 9.55 -2.47
CA PRO B 115 14.28 10.43 -1.50
C PRO B 115 14.11 11.97 -1.72
N ASP B 116 14.09 12.42 -2.96
CA ASP B 116 13.83 13.80 -3.31
C ASP B 116 12.38 14.13 -3.78
N ARG B 117 11.35 13.34 -3.43
CA ARG B 117 9.99 13.62 -3.92
C ARG B 117 9.52 15.01 -3.51
N ASP B 118 9.96 15.44 -2.33
CA ASP B 118 9.76 16.82 -1.88
C ASP B 118 11.19 17.41 -1.84
N PRO B 119 11.47 18.43 -2.66
CA PRO B 119 12.85 19.03 -2.66
C PRO B 119 13.18 19.87 -1.42
N ARG B 120 12.20 20.14 -0.58
CA ARG B 120 12.50 20.83 0.70
C ARG B 120 13.25 19.92 1.68
N GLY B 121 13.03 18.62 1.65
CA GLY B 121 13.69 17.79 2.67
C GLY B 121 13.06 16.40 2.49
N TRP B 122 13.42 15.46 3.38
CA TRP B 122 12.98 14.07 3.37
C TRP B 122 11.57 13.90 3.93
N VAL B 123 10.66 13.61 3.00
CA VAL B 123 9.26 13.46 3.26
C VAL B 123 8.70 12.13 2.67
N VAL B 124 8.16 11.27 3.50
CA VAL B 124 7.52 10.01 2.99
C VAL B 124 6.01 10.14 3.18
N THR B 125 5.27 9.74 2.19
CA THR B 125 3.87 9.79 2.32
C THR B 125 3.20 8.39 2.21
N VAL B 126 2.20 8.14 3.06
CA VAL B 126 1.37 6.97 2.87
C VAL B 126 0.05 7.38 2.16
N SER B 127 -0.16 6.95 0.92
CA SER B 127 -1.36 7.40 0.18
C SER B 127 -2.54 6.43 0.34
N TYR B 128 -3.73 6.98 0.28
CA TYR B 128 -4.98 6.29 0.54
C TYR B 128 -5.98 6.72 -0.53
N LEU B 129 -6.84 5.76 -0.90
CA LEU B 129 -8.11 6.11 -1.59
C LEU B 129 -9.15 6.28 -0.50
N ALA B 130 -10.06 7.22 -0.65
CA ALA B 130 -11.21 7.31 0.25
C ALA B 130 -12.46 7.63 -0.62
N PHE B 131 -13.56 6.95 -0.34
CA PHE B 131 -14.84 7.17 -1.01
C PHE B 131 -15.79 7.95 -0.12
N ILE B 132 -16.12 9.16 -0.54
CA ILE B 132 -16.77 10.23 0.25
C ILE B 132 -18.32 10.23 0.19
N GLY B 133 -18.93 9.55 -0.81
CA GLY B 133 -20.37 9.59 -0.94
C GLY B 133 -20.67 10.72 -1.93
N GLU B 134 -21.71 11.51 -1.65
CA GLU B 134 -22.09 12.67 -2.51
C GLU B 134 -21.06 13.84 -2.50
N GLU B 135 -20.98 14.63 -3.57
CA GLU B 135 -20.03 15.75 -3.64
C GLU B 135 -20.38 16.79 -2.53
N PRO B 136 -19.46 17.02 -1.56
CA PRO B 136 -19.70 18.00 -0.52
C PRO B 136 -19.54 19.41 -1.04
N LEU B 137 -20.30 20.34 -0.51
CA LEU B 137 -20.15 21.73 -0.97
C LEU B 137 -18.86 22.35 -0.43
N ILE B 138 -18.25 23.18 -1.26
CA ILE B 138 -17.14 24.02 -0.82
C ILE B 138 -17.62 25.49 -0.71
N ALA B 139 -17.58 26.05 0.48
CA ALA B 139 -17.80 27.48 0.61
C ALA B 139 -16.50 28.20 0.19
N GLY B 140 -16.59 28.96 -0.91
CA GLY B 140 -15.62 29.98 -1.34
C GLY B 140 -14.63 30.56 -0.31
N ASP B 141 -13.41 30.78 -0.81
CA ASP B 141 -12.29 31.24 -0.01
C ASP B 141 -11.15 31.55 -0.92
N ASP B 142 -10.84 32.84 -1.13
CA ASP B 142 -9.76 33.21 -2.04
C ASP B 142 -8.40 32.72 -1.59
N ALA B 143 -8.24 32.41 -0.31
CA ALA B 143 -6.93 31.95 0.18
C ALA B 143 -6.56 30.54 -0.32
N LYS B 144 -7.57 29.77 -0.71
CA LYS B 144 -7.25 28.49 -1.33
C LYS B 144 -8.09 28.07 -2.54
N GLU B 145 -7.36 27.69 -3.59
CA GLU B 145 -7.92 27.21 -4.82
C GLU B 145 -8.21 25.72 -4.71
N VAL B 146 -9.47 25.38 -4.45
CA VAL B 146 -9.82 24.00 -4.23
C VAL B 146 -11.14 23.62 -4.94
N HIS B 147 -11.12 22.52 -5.68
CA HIS B 147 -12.31 22.12 -6.46
C HIS B 147 -12.32 20.59 -6.54
N TRP B 148 -13.53 20.03 -6.66
CA TRP B 148 -13.77 18.67 -7.12
C TRP B 148 -13.72 18.65 -8.61
N PHE B 149 -12.67 18.02 -9.11
CA PHE B 149 -12.45 17.97 -10.54
C PHE B 149 -13.26 16.79 -11.14
N ASN B 150 -13.85 16.97 -12.32
CA ASN B 150 -14.44 15.89 -13.06
C ASN B 150 -13.31 14.88 -13.39
N LEU B 151 -13.65 13.59 -13.23
CA LEU B 151 -12.75 12.50 -13.55
C LEU B 151 -13.34 11.57 -14.62
N GLU B 152 -12.62 11.48 -15.74
CA GLU B 152 -13.05 10.60 -16.85
C GLU B 152 -11.90 9.95 -17.55
N ARG B 153 -12.16 8.87 -18.28
CA ARG B 153 -11.17 8.09 -18.94
C ARG B 153 -11.46 7.89 -20.39
N HIS B 154 -10.39 7.98 -21.20
CA HIS B 154 -10.48 7.62 -22.62
C HIS B 154 -9.26 6.72 -22.88
N GLY B 155 -9.50 5.46 -23.35
CA GLY B 155 -8.44 4.46 -23.54
C GLY B 155 -7.50 4.31 -22.36
N GLN B 156 -6.21 4.59 -22.55
CA GLN B 156 -5.28 4.44 -21.47
C GLN B 156 -4.96 5.78 -20.73
N HIS B 157 -5.77 6.79 -20.99
CA HIS B 157 -5.57 8.09 -20.35
C HIS B 157 -6.76 8.48 -19.48
N ILE B 158 -6.48 9.26 -18.40
CA ILE B 158 -7.54 9.87 -17.61
C ILE B 158 -7.42 11.39 -17.64
N THR B 159 -8.54 12.06 -17.45
CA THR B 159 -8.60 13.51 -17.44
C THR B 159 -9.23 13.97 -16.12
N LEU B 160 -8.59 14.97 -15.49
CA LEU B 160 -9.15 15.59 -14.33
C LEU B 160 -9.32 17.02 -14.79
N SER B 161 -10.58 17.49 -14.83
CA SER B 161 -10.84 18.84 -15.30
C SER B 161 -11.72 19.69 -14.39
N HIS B 162 -11.47 20.98 -14.45
CA HIS B 162 -12.31 21.93 -13.77
C HIS B 162 -12.23 23.19 -14.59
N GLU B 163 -13.38 23.62 -15.10
CA GLU B 163 -13.40 24.71 -16.10
C GLU B 163 -12.35 24.53 -17.17
N ASP B 164 -11.37 25.43 -17.20
CA ASP B 164 -10.35 25.43 -18.25
CA ASP B 164 -10.36 25.39 -18.27
C ASP B 164 -9.03 24.74 -17.82
N VAL B 165 -9.02 24.21 -16.59
CA VAL B 165 -7.99 23.36 -16.10
C VAL B 165 -8.23 21.92 -16.54
N GLU B 166 -7.24 21.39 -17.21
CA GLU B 166 -7.30 20.05 -17.76
C GLU B 166 -5.97 19.27 -17.49
N ILE B 167 -6.04 18.25 -16.63
CA ILE B 167 -4.91 17.49 -16.27
C ILE B 167 -5.06 16.12 -16.91
N THR B 168 -4.03 15.70 -17.66
CA THR B 168 -4.12 14.41 -18.39
C THR B 168 -2.99 13.41 -17.97
N LEU B 169 -3.37 12.20 -17.60
CA LEU B 169 -2.40 11.31 -17.04
C LEU B 169 -2.48 10.03 -17.85
N ASP B 170 -1.30 9.43 -18.06
CA ASP B 170 -1.14 8.14 -18.74
C ASP B 170 -1.29 7.06 -17.64
N LEU B 171 -2.24 6.14 -17.81
CA LEU B 171 -2.47 5.15 -16.79
C LEU B 171 -1.40 4.07 -16.68
N LYS B 172 -0.59 3.91 -17.75
CA LYS B 172 0.54 2.99 -17.79
C LYS B 172 1.86 3.59 -17.28
N THR B 173 2.15 4.87 -17.56
CA THR B 173 3.46 5.46 -17.18
C THR B 173 3.41 6.48 -16.04
N ALA B 174 2.22 6.95 -15.70
CA ALA B 174 2.02 8.05 -14.74
C ALA B 174 2.44 9.41 -15.26
N ALA B 175 2.81 9.48 -16.53
CA ALA B 175 3.19 10.73 -17.15
C ALA B 175 2.00 11.68 -17.14
N SER B 176 2.29 12.94 -16.82
CA SER B 176 1.37 14.03 -16.83
C SER B 176 1.57 14.77 -18.12
N LEU B 177 0.50 14.89 -18.93
CA LEU B 177 0.69 15.37 -20.30
C LEU B 177 0.33 16.81 -20.68
N GLY B 178 -0.30 17.59 -19.83
CA GLY B 178 -0.64 18.96 -20.30
C GLY B 178 0.13 20.09 -19.62
N LYS B 179 -0.19 21.33 -20.02
CA LYS B 179 0.23 22.52 -19.27
C LYS B 179 -0.22 22.58 -17.79
N ASP B 180 -1.42 22.12 -17.45
CA ASP B 180 -1.89 22.07 -16.04
C ASP B 180 -1.22 20.86 -15.43
N THR B 181 -0.56 21.04 -14.30
CA THR B 181 0.32 20.03 -13.69
C THR B 181 -0.11 19.65 -12.26
N LEU B 182 0.39 18.49 -11.81
CA LEU B 182 0.26 17.99 -10.46
C LEU B 182 1.61 18.17 -9.73
N ALA B 183 1.53 18.40 -8.44
CA ALA B 183 2.69 18.57 -7.59
C ALA B 183 3.31 17.25 -7.12
N PHE B 184 4.61 17.29 -6.74
CA PHE B 184 5.36 16.20 -6.12
C PHE B 184 5.17 14.97 -7.03
N ASP B 185 4.78 13.81 -6.46
CA ASP B 185 4.56 12.62 -7.28
C ASP B 185 3.04 12.33 -7.34
N HIS B 186 2.19 13.34 -7.16
CA HIS B 186 0.72 13.11 -7.15
C HIS B 186 0.13 12.52 -8.41
N SER B 187 0.78 12.70 -9.55
CA SER B 187 0.27 11.96 -10.67
C SER B 187 0.50 10.45 -10.54
N GLU B 188 1.61 10.00 -9.99
CA GLU B 188 1.76 8.60 -9.71
C GLU B 188 0.70 8.10 -8.68
N ILE B 189 0.44 8.91 -7.66
CA ILE B 189 -0.55 8.51 -6.70
C ILE B 189 -1.98 8.34 -7.30
N ILE B 190 -2.41 9.32 -8.04
CA ILE B 190 -3.65 9.28 -8.69
C ILE B 190 -3.83 8.14 -9.68
N ILE B 191 -2.84 7.83 -10.51
CA ILE B 191 -3.03 6.67 -11.40
C ILE B 191 -2.97 5.30 -10.65
N LYS B 192 -2.17 5.28 -9.57
CA LYS B 192 -2.13 4.11 -8.69
C LYS B 192 -3.51 3.87 -8.18
N ALA B 193 -4.18 4.92 -7.69
CA ALA B 193 -5.59 4.84 -7.19
C ALA B 193 -6.62 4.45 -8.24
N PHE B 194 -6.50 5.03 -9.43
CA PHE B 194 -7.41 4.71 -10.50
C PHE B 194 -7.29 3.22 -10.88
N ASN B 195 -6.05 2.78 -11.10
CA ASN B 195 -5.77 1.41 -11.54
C ASN B 195 -6.13 0.41 -10.39
N ARG B 196 -5.98 0.83 -9.15
CA ARG B 196 -6.40 0.01 -8.01
C ARG B 196 -7.92 -0.29 -8.03
N VAL B 197 -8.74 0.71 -8.27
CA VAL B 197 -10.17 0.55 -8.39
C VAL B 197 -10.51 -0.36 -9.61
N VAL B 198 -9.99 0.03 -10.80
CA VAL B 198 -10.11 -0.84 -12.01
C VAL B 198 -9.78 -2.32 -11.73
N ASP B 199 -8.63 -2.61 -11.14
CA ASP B 199 -8.29 -3.99 -10.93
C ASP B 199 -9.06 -4.66 -9.78
N LYS B 200 -9.71 -3.91 -8.89
CA LYS B 200 -10.42 -4.52 -7.74
C LYS B 200 -11.91 -4.62 -7.93
N MSE B 201 -12.50 -3.67 -8.62
CA MSE B 201 -13.92 -3.42 -8.45
C MSE B 201 -14.86 -4.59 -8.88
O MSE B 201 -15.99 -4.69 -8.37
CB MSE B 201 -14.26 -2.10 -9.09
CG MSE B 201 -14.27 -2.21 -10.61
SE MSE B 201 -14.48 -0.50 -11.53
CE MSE B 201 -14.29 -1.14 -13.40
N GLU B 202 -14.41 -5.46 -9.80
CA GLU B 202 -15.28 -6.52 -10.36
C GLU B 202 -15.59 -7.53 -9.21
N HIS B 203 -14.62 -7.69 -8.30
CA HIS B 203 -14.75 -8.71 -7.25
CA HIS B 203 -14.69 -8.72 -7.25
C HIS B 203 -14.75 -8.12 -5.82
N GLU B 204 -14.58 -6.80 -5.73
CA GLU B 204 -14.69 -6.06 -4.48
C GLU B 204 -15.10 -4.64 -4.81
N PRO B 205 -16.41 -4.44 -5.03
CA PRO B 205 -16.83 -3.11 -5.49
C PRO B 205 -16.96 -2.05 -4.37
N GLN B 206 -16.01 -1.98 -3.45
CA GLN B 206 -15.98 -0.90 -2.43
C GLN B 206 -16.20 0.52 -3.08
N VAL B 207 -15.79 0.68 -4.33
CA VAL B 207 -15.87 1.97 -5.00
C VAL B 207 -17.31 2.53 -5.04
N LEU B 208 -18.33 1.68 -4.89
CA LEU B 208 -19.71 2.06 -5.01
C LEU B 208 -20.21 2.82 -3.81
N GLN B 209 -19.39 2.91 -2.75
CA GLN B 209 -19.67 3.81 -1.66
C GLN B 209 -19.69 5.26 -2.18
N VAL B 210 -19.17 5.56 -3.38
CA VAL B 210 -19.28 6.96 -3.87
C VAL B 210 -20.77 7.34 -4.11
N LEU B 211 -21.64 6.29 -4.21
CA LEU B 211 -23.09 6.45 -4.40
C LEU B 211 -23.83 6.76 -3.11
N GLY B 212 -23.11 6.80 -1.97
CA GLY B 212 -23.70 7.08 -0.68
C GLY B 212 -24.37 5.84 -0.13
N LYS B 213 -25.49 6.05 0.56
CA LYS B 213 -26.16 5.03 1.37
C LYS B 213 -26.87 3.93 0.55
N ASP B 214 -27.21 4.21 -0.71
CA ASP B 214 -27.87 3.18 -1.50
C ASP B 214 -27.77 3.44 -3.00
N PHE B 215 -28.06 2.39 -3.74
CA PHE B 215 -27.89 2.51 -5.18
C PHE B 215 -28.72 1.50 -5.91
N THR B 216 -29.09 1.92 -7.12
CA THR B 216 -29.70 0.99 -8.12
C THR B 216 -28.58 0.34 -8.93
N ILE B 217 -28.91 -0.79 -9.52
CA ILE B 217 -27.94 -1.47 -10.45
C ILE B 217 -27.40 -0.57 -11.59
N THR B 218 -28.29 0.22 -12.19
CA THR B 218 -27.93 1.16 -13.26
C THR B 218 -26.93 2.20 -12.75
N GLU B 219 -27.15 2.74 -11.54
CA GLU B 219 -26.21 3.64 -10.93
C GLU B 219 -24.85 3.01 -10.75
N ALA B 220 -24.81 1.76 -10.25
CA ALA B 220 -23.59 1.03 -10.09
C ALA B 220 -22.92 0.84 -11.46
N ARG B 221 -23.71 0.54 -12.49
CA ARG B 221 -23.20 0.36 -13.87
C ARG B 221 -22.55 1.66 -14.42
N LYS B 222 -23.13 2.82 -14.12
CA LYS B 222 -22.60 4.13 -14.42
C LYS B 222 -21.19 4.39 -13.76
N VAL B 223 -21.01 3.97 -12.51
CA VAL B 223 -19.75 4.06 -11.84
C VAL B 223 -18.70 3.22 -12.54
N PHE B 224 -18.97 1.93 -12.71
CA PHE B 224 -18.10 1.04 -13.51
C PHE B 224 -17.77 1.61 -14.89
N ALA B 225 -18.75 2.15 -15.60
CA ALA B 225 -18.45 2.77 -16.90
C ALA B 225 -17.43 3.86 -16.82
N LYS B 226 -17.46 4.66 -15.77
CA LYS B 226 -16.52 5.77 -15.60
C LYS B 226 -15.05 5.30 -15.50
N PHE B 227 -14.85 4.22 -14.73
CA PHE B 227 -13.56 3.60 -14.54
C PHE B 227 -13.08 2.76 -15.74
N LEU B 228 -14.02 2.24 -16.51
CA LEU B 228 -13.73 1.47 -17.73
C LEU B 228 -13.47 2.37 -18.91
N GLY B 229 -13.98 3.60 -18.87
CA GLY B 229 -13.77 4.50 -20.02
C GLY B 229 -14.71 4.19 -21.15
N VAL B 230 -15.93 3.74 -20.81
CA VAL B 230 -16.96 3.43 -21.80
C VAL B 230 -18.31 4.14 -21.54
N ASP B 231 -19.15 4.18 -22.57
CA ASP B 231 -20.53 4.55 -22.39
C ASP B 231 -21.21 3.49 -21.54
N TYR B 232 -21.84 3.93 -20.44
CA TYR B 232 -22.60 3.00 -19.56
C TYR B 232 -23.70 2.25 -20.30
N ARG B 233 -24.26 2.84 -21.39
CA ARG B 233 -25.24 2.11 -22.21
C ARG B 233 -24.64 0.91 -22.91
N SER B 234 -23.33 0.82 -22.97
CA SER B 234 -22.65 -0.30 -23.69
C SER B 234 -22.34 -1.49 -22.74
N ILE B 235 -22.56 -1.33 -21.43
CA ILE B 235 -22.42 -2.40 -20.46
C ILE B 235 -23.81 -3.16 -20.33
N ASP B 236 -23.84 -4.42 -20.74
CA ASP B 236 -25.09 -5.10 -20.79
C ASP B 236 -25.64 -5.12 -19.35
N HIS B 237 -26.90 -4.68 -19.16
CA HIS B 237 -27.38 -4.45 -17.79
C HIS B 237 -27.54 -5.82 -17.07
N SER B 238 -28.16 -6.72 -17.76
CA SER B 238 -28.41 -8.03 -17.19
C SER B 238 -27.12 -8.84 -16.79
N ASN B 239 -26.11 -8.90 -17.68
CA ASN B 239 -24.87 -9.62 -17.38
C ASN B 239 -24.16 -8.94 -16.20
N PHE B 240 -24.24 -7.60 -16.15
CA PHE B 240 -23.78 -6.79 -14.99
C PHE B 240 -24.42 -7.26 -13.68
N LYS B 241 -25.78 -7.25 -13.67
CA LYS B 241 -26.60 -7.62 -12.50
C LYS B 241 -26.23 -9.00 -11.94
N LYS B 242 -26.12 -9.94 -12.88
CA LYS B 242 -25.76 -11.32 -12.64
C LYS B 242 -24.40 -11.46 -11.96
N ALA B 243 -23.40 -10.73 -12.46
CA ALA B 243 -22.01 -10.86 -12.01
C ALA B 243 -21.83 -10.20 -10.63
N MSE B 244 -22.56 -9.10 -10.45
CA MSE B 244 -22.30 -8.15 -9.37
C MSE B 244 -23.17 -8.34 -8.14
O MSE B 244 -22.79 -8.00 -7.04
CB MSE B 244 -22.48 -6.74 -9.89
CG MSE B 244 -21.41 -6.30 -10.86
SE MSE B 244 -19.55 -6.78 -10.36
CE MSE B 244 -19.34 -5.80 -8.57
N THR B 245 -24.37 -8.89 -8.32
CA THR B 245 -25.35 -9.00 -7.26
C THR B 245 -24.96 -9.85 -6.02
N GLN B 246 -24.17 -10.92 -6.21
CA GLN B 246 -23.46 -11.58 -5.06
C GLN B 246 -22.74 -10.57 -4.01
N TYR B 247 -22.54 -9.28 -4.37
CA TYR B 247 -21.85 -8.24 -3.53
C TYR B 247 -22.82 -7.20 -2.89
N PHE B 248 -24.07 -7.31 -3.26
CA PHE B 248 -25.09 -6.34 -2.85
C PHE B 248 -26.05 -6.98 -1.89
N GLU B 249 -26.59 -6.17 -0.99
CA GLU B 249 -27.78 -6.55 -0.21
C GLU B 249 -28.91 -5.67 -0.59
N GLU B 250 -30.03 -6.32 -0.93
CA GLU B 250 -31.31 -5.64 -1.20
C GLU B 250 -31.80 -4.86 0.00
N LEU B 251 -32.02 -3.57 -0.20
CA LEU B 251 -32.68 -2.76 0.79
C LEU B 251 -34.21 -2.78 0.55
N GLY B 252 -34.68 -1.98 -0.39
CA GLY B 252 -36.05 -2.13 -0.91
C GLY B 252 -36.21 -1.43 -2.23
N GLU B 253 -37.00 -0.34 -2.20
CA GLU B 253 -37.21 0.59 -3.33
C GLU B 253 -37.14 2.02 -2.81
N ARG B 260 -42.89 1.91 -11.53
CA ARG B 260 -42.40 3.14 -10.89
C ARG B 260 -41.14 2.99 -9.99
N PRO B 261 -41.25 2.35 -8.79
CA PRO B 261 -40.15 2.39 -7.79
C PRO B 261 -38.96 1.41 -7.99
N SER B 262 -37.77 1.94 -8.21
CA SER B 262 -36.62 1.10 -8.60
C SER B 262 -36.00 0.32 -7.40
N LYS B 263 -35.56 -0.94 -7.62
CA LYS B 263 -34.92 -1.68 -6.49
C LYS B 263 -33.57 -1.11 -6.02
N ILE B 264 -33.44 -0.87 -4.71
CA ILE B 264 -32.17 -0.41 -4.11
C ILE B 264 -31.39 -1.46 -3.31
N TYR B 265 -30.08 -1.20 -3.33
CA TYR B 265 -29.04 -2.03 -2.76
C TYR B 265 -28.03 -1.22 -1.94
N GLN B 266 -27.29 -2.01 -1.20
CA GLN B 266 -26.21 -1.54 -0.38
C GLN B 266 -25.11 -2.55 -0.60
N LEU B 267 -23.85 -2.16 -0.44
CA LEU B 267 -22.79 -3.16 -0.37
C LEU B 267 -22.99 -4.10 0.82
N LYS B 268 -22.77 -5.40 0.65
CA LYS B 268 -22.51 -6.20 1.85
C LYS B 268 -21.06 -6.09 2.37
N THR B 269 -20.77 -6.67 3.52
CA THR B 269 -19.50 -6.38 4.18
C THR B 269 -19.09 -7.57 5.04
C1 GOL C . 11.74 -4.10 12.07
O1 GOL C . 11.85 -5.51 11.71
C2 GOL C . 10.43 -3.70 12.81
O2 GOL C . 9.25 -3.97 12.03
C3 GOL C . 10.55 -2.20 12.96
O3 GOL C . 9.58 -1.56 13.78
#